data_3V5S
#
_entry.id   3V5S
#
_cell.length_a   84.990
_cell.length_b   84.990
_cell.length_c   181.634
_cell.angle_alpha   90.00
_cell.angle_beta   90.00
_cell.angle_gamma   90.00
#
_symmetry.space_group_name_H-M   'P 41 21 2'
#
loop_
_entity.id
_entity.type
_entity.pdbx_description
1 polymer 'Sodium/Calcium Exchanger'
2 non-polymer 'CADMIUM ION'
#
_entity_poly.entity_id   1
_entity_poly.type   'polypeptide(L)'
_entity_poly.pdbx_seq_one_letter_code
;MVILGVGYFLLGLILLYYGSDWFVLGSERIARHFNVSNFVIGATVMAIGTSLPEILTSAYASYMHAPGISIGNAIGSCIC
NIGLVLGLSAIISPIIVDKNLQKNILVYLLFVIFAAVIGIDGFSWIDGVVLLILFIIYLRWTVKNGSAEIEENNDKNNPS
VVFSLVLLIIGLIGVLVGAELFVDGAKKIALALDISDKVIGFTLVAFGTSLPELMVSLAAAKRNLGGMVLGNVIGSNIAD
IGGALAVGSLFMHLPAENVQMAVLVIMSLLLYLFAKYSKIGRWQGILFLALYIIAIASLRMGGGSLVPRGSRSHHHHHHH
;
_entity_poly.pdbx_strand_id   A
#
# COMPACT_ATOMS: atom_id res chain seq x y z
N MET A 1 -29.58 -14.29 1.31
CA MET A 1 -28.20 -14.08 1.71
C MET A 1 -27.47 -12.97 0.97
N VAL A 2 -27.40 -13.13 -0.36
CA VAL A 2 -26.96 -12.13 -1.34
C VAL A 2 -27.35 -10.70 -0.98
N ILE A 3 -28.59 -10.55 -0.51
CA ILE A 3 -29.10 -9.28 -0.01
C ILE A 3 -28.12 -8.60 0.94
N LEU A 4 -27.72 -9.31 2.01
CA LEU A 4 -26.81 -8.74 2.99
C LEU A 4 -25.46 -8.40 2.35
N GLY A 5 -25.03 -9.23 1.41
CA GLY A 5 -23.81 -8.97 0.66
C GLY A 5 -23.91 -7.67 -0.12
N VAL A 6 -25.01 -7.51 -0.85
CA VAL A 6 -25.26 -6.28 -1.57
C VAL A 6 -25.30 -5.09 -0.62
N GLY A 7 -25.99 -5.26 0.50
CA GLY A 7 -26.09 -4.23 1.51
C GLY A 7 -24.76 -3.87 2.12
N TYR A 8 -23.83 -4.81 2.09
CA TYR A 8 -22.47 -4.58 2.54
C TYR A 8 -21.73 -3.77 1.50
N PHE A 9 -21.75 -4.29 0.27
CA PHE A 9 -21.13 -3.70 -0.91
C PHE A 9 -21.33 -2.19 -0.93
N LEU A 10 -22.59 -1.78 -0.94
CA LEU A 10 -22.92 -0.36 -0.96
C LEU A 10 -22.38 0.31 0.30
N LEU A 11 -22.95 -0.07 1.45
CA LEU A 11 -22.56 0.46 2.75
C LEU A 11 -21.03 0.54 2.90
N GLY A 12 -20.34 -0.45 2.34
CA GLY A 12 -18.90 -0.37 2.23
C GLY A 12 -18.53 0.74 1.26
N LEU A 13 -18.88 0.54 -0.02
CA LEU A 13 -18.54 1.46 -1.11
C LEU A 13 -18.68 2.93 -0.74
N ILE A 14 -19.69 3.25 0.06
CA ILE A 14 -19.86 4.61 0.52
C ILE A 14 -18.74 5.01 1.46
N LEU A 15 -18.56 4.25 2.54
CA LEU A 15 -17.56 4.54 3.53
C LEU A 15 -16.18 4.60 2.92
N LEU A 16 -15.98 3.78 1.89
CA LEU A 16 -14.75 3.78 1.13
C LEU A 16 -14.48 5.12 0.50
N TYR A 17 -15.50 5.64 -0.19
CA TYR A 17 -15.36 6.86 -0.96
C TYR A 17 -15.32 8.10 -0.08
N TYR A 18 -15.75 7.93 1.16
CA TYR A 18 -15.84 9.03 2.10
C TYR A 18 -14.66 9.09 3.03
N GLY A 19 -14.31 7.93 3.59
CA GLY A 19 -13.14 7.84 4.45
C GLY A 19 -11.90 8.27 3.71
N SER A 20 -11.82 7.88 2.43
CA SER A 20 -10.65 8.16 1.60
C SER A 20 -10.29 9.62 1.62
N ASP A 21 -11.31 10.46 1.54
CA ASP A 21 -11.12 11.90 1.68
C ASP A 21 -10.86 12.25 3.13
N TRP A 22 -11.88 12.08 3.95
CA TRP A 22 -11.83 12.35 5.38
C TRP A 22 -10.48 12.03 6.02
N PHE A 23 -9.91 10.91 5.60
CA PHE A 23 -8.59 10.51 6.06
C PHE A 23 -7.54 11.40 5.41
N VAL A 24 -7.60 11.56 4.10
CA VAL A 24 -6.68 12.45 3.37
C VAL A 24 -6.82 13.88 3.86
N LEU A 25 -8.06 14.34 3.99
CA LEU A 25 -8.35 15.66 4.52
C LEU A 25 -7.72 15.83 5.89
N GLY A 26 -8.25 15.09 6.87
CA GLY A 26 -7.79 15.17 8.24
C GLY A 26 -6.31 14.94 8.40
N SER A 27 -5.72 14.17 7.49
CA SER A 27 -4.28 13.91 7.53
C SER A 27 -3.50 15.17 7.22
N GLU A 28 -3.89 15.85 6.16
CA GLU A 28 -3.21 17.06 5.72
C GLU A 28 -3.40 18.21 6.70
N ARG A 29 -4.60 18.29 7.26
CA ARG A 29 -4.90 19.31 8.26
C ARG A 29 -3.99 19.14 9.48
N ILE A 30 -3.54 17.92 9.70
CA ILE A 30 -2.48 17.66 10.67
C ILE A 30 -1.16 18.13 10.07
N ALA A 31 -0.88 17.69 8.86
CA ALA A 31 0.39 17.98 8.18
C ALA A 31 0.75 19.46 8.12
N ARG A 32 -0.24 20.34 8.14
CA ARG A 32 0.00 21.77 8.02
C ARG A 32 -0.24 22.55 9.30
N HIS A 33 -0.53 21.84 10.39
CA HIS A 33 -0.50 22.40 11.72
C HIS A 33 0.58 21.63 12.49
N PHE A 34 1.47 21.00 11.72
CA PHE A 34 2.56 20.17 12.24
C PHE A 34 3.85 20.22 11.41
N ASN A 35 3.78 20.88 10.25
CA ASN A 35 4.96 21.22 9.41
C ASN A 35 5.50 20.14 8.44
N VAL A 36 4.97 18.92 8.54
CA VAL A 36 5.43 17.80 7.69
C VAL A 36 4.89 17.97 6.26
N SER A 37 5.77 17.69 5.29
CA SER A 37 5.41 17.75 3.89
C SER A 37 4.25 16.80 3.69
N ASN A 38 3.20 17.28 3.01
CA ASN A 38 2.03 16.48 2.65
C ASN A 38 2.45 15.08 2.17
N PHE A 39 3.66 14.97 1.65
CA PHE A 39 4.35 13.69 1.50
C PHE A 39 4.49 12.81 2.72
N VAL A 40 5.31 13.27 3.67
CA VAL A 40 5.76 12.52 4.84
C VAL A 40 4.58 11.96 5.64
N ILE A 41 3.56 12.79 5.84
CA ILE A 41 2.35 12.35 6.52
C ILE A 41 1.76 11.11 5.81
N GLY A 42 1.80 11.12 4.48
CA GLY A 42 1.38 9.98 3.68
C GLY A 42 2.34 8.83 3.81
N ALA A 43 3.63 9.14 3.87
CA ALA A 43 4.68 8.12 3.94
C ALA A 43 4.79 7.47 5.31
N THR A 44 4.12 8.04 6.30
CA THR A 44 4.19 7.49 7.64
C THR A 44 2.82 7.07 8.14
N VAL A 45 2.08 8.05 8.66
CA VAL A 45 0.78 7.79 9.26
C VAL A 45 -0.19 7.16 8.26
N MET A 46 -0.18 7.64 7.03
CA MET A 46 -1.14 7.17 6.04
C MET A 46 -0.74 5.83 5.44
N ALA A 47 0.57 5.61 5.33
CA ALA A 47 1.06 4.34 4.83
C ALA A 47 0.77 3.25 5.85
N ILE A 48 0.86 3.63 7.13
CA ILE A 48 0.52 2.72 8.22
C ILE A 48 -0.95 2.34 8.16
N GLY A 49 -1.83 3.35 8.19
CA GLY A 49 -3.26 3.13 8.24
C GLY A 49 -3.74 2.23 7.13
N THR A 50 -3.35 2.56 5.92
CA THR A 50 -3.73 1.77 4.75
C THR A 50 -3.21 0.33 4.87
N SER A 51 -1.94 0.18 5.25
CA SER A 51 -1.32 -1.14 5.34
C SER A 51 -1.57 -1.80 6.69
N LEU A 52 -2.25 -1.08 7.58
CA LEU A 52 -2.54 -1.59 8.93
C LEU A 52 -3.23 -2.97 8.98
N PRO A 53 -4.25 -3.20 8.13
CA PRO A 53 -4.86 -4.53 8.16
C PRO A 53 -3.93 -5.64 7.66
N GLU A 54 -3.20 -5.37 6.58
CA GLU A 54 -2.34 -6.37 5.95
C GLU A 54 -1.23 -6.89 6.88
N ILE A 55 -1.01 -6.16 7.96
CA ILE A 55 -0.12 -6.57 9.05
C ILE A 55 -0.80 -7.61 9.92
N LEU A 56 -1.99 -7.25 10.42
CA LEU A 56 -2.78 -8.14 11.25
C LEU A 56 -3.21 -9.40 10.51
N THR A 57 -3.32 -9.30 9.20
CA THR A 57 -3.45 -10.50 8.37
C THR A 57 -2.14 -11.28 8.37
N SER A 58 -1.03 -10.59 8.08
CA SER A 58 0.29 -11.22 8.00
C SER A 58 0.74 -11.93 9.28
N ALA A 59 0.43 -11.33 10.43
CA ALA A 59 0.77 -11.92 11.73
C ALA A 59 -0.02 -13.20 11.92
N TYR A 60 -1.33 -13.07 11.81
CA TYR A 60 -2.27 -14.18 11.94
C TYR A 60 -1.98 -15.30 10.93
N ALA A 61 -1.71 -14.91 9.68
CA ALA A 61 -1.59 -15.86 8.56
C ALA A 61 -0.43 -16.84 8.66
N SER A 62 0.75 -16.33 9.04
CA SER A 62 1.93 -17.18 9.13
C SER A 62 1.86 -18.06 10.38
N TYR A 63 1.14 -17.59 11.39
CA TYR A 63 0.94 -18.35 12.62
C TYR A 63 -0.01 -19.53 12.41
N MET A 64 -0.82 -19.45 11.36
CA MET A 64 -1.72 -20.53 10.95
C MET A 64 -0.95 -21.60 10.20
N HIS A 65 0.35 -21.72 10.51
CA HIS A 65 1.23 -22.72 9.93
C HIS A 65 1.24 -22.70 8.39
N ALA A 66 0.58 -21.69 7.79
CA ALA A 66 0.55 -21.53 6.33
C ALA A 66 0.94 -20.08 6.02
N PRO A 67 2.24 -19.81 5.91
CA PRO A 67 2.82 -18.47 5.83
C PRO A 67 3.12 -18.05 4.39
N GLY A 68 2.75 -18.88 3.42
CA GLY A 68 2.95 -18.54 2.02
C GLY A 68 2.13 -17.29 1.70
N ILE A 69 1.03 -17.16 2.40
CA ILE A 69 0.17 -15.98 2.30
C ILE A 69 0.91 -14.72 2.71
N SER A 70 1.53 -14.73 3.89
CA SER A 70 2.13 -13.53 4.47
C SER A 70 3.17 -12.81 3.60
N ILE A 71 3.67 -13.48 2.58
CA ILE A 71 4.65 -12.86 1.69
C ILE A 71 4.09 -12.52 0.30
N GLY A 72 3.74 -13.56 -0.46
CA GLY A 72 3.38 -13.42 -1.87
C GLY A 72 2.26 -12.43 -2.14
N ASN A 73 1.41 -12.20 -1.14
CA ASN A 73 0.35 -11.21 -1.20
C ASN A 73 0.79 -9.85 -0.66
N ALA A 74 1.70 -9.87 0.32
CA ALA A 74 2.25 -8.64 0.87
C ALA A 74 3.08 -7.88 -0.16
N ILE A 75 3.43 -8.56 -1.25
CA ILE A 75 4.18 -7.97 -2.34
C ILE A 75 3.25 -7.39 -3.41
N GLY A 76 2.24 -8.15 -3.79
CA GLY A 76 1.26 -7.67 -4.76
C GLY A 76 0.76 -6.33 -4.28
N SER A 77 0.56 -6.25 -2.96
CA SER A 77 0.22 -5.03 -2.28
C SER A 77 1.21 -3.87 -2.50
N CYS A 78 2.46 -4.21 -2.81
CA CYS A 78 3.47 -3.20 -3.15
C CYS A 78 3.42 -2.94 -4.65
N ILE A 79 3.44 -4.02 -5.42
CA ILE A 79 3.41 -3.96 -6.86
C ILE A 79 2.17 -3.20 -7.32
N CYS A 80 1.07 -3.41 -6.61
CA CYS A 80 -0.18 -2.74 -6.92
C CYS A 80 0.01 -1.28 -6.62
N ASN A 81 0.59 -1.01 -5.45
CA ASN A 81 0.79 0.35 -5.00
C ASN A 81 1.57 1.18 -5.99
N ILE A 82 2.43 0.53 -6.77
CA ILE A 82 3.13 1.21 -7.83
C ILE A 82 2.34 1.05 -9.12
N GLY A 83 2.42 -0.14 -9.69
CA GLY A 83 1.84 -0.45 -10.98
C GLY A 83 0.45 0.07 -11.22
N LEU A 84 -0.45 -0.22 -10.29
CA LEU A 84 -1.80 0.24 -10.43
C LEU A 84 -2.00 1.56 -9.68
N VAL A 85 -1.91 1.49 -8.36
CA VAL A 85 -2.23 2.63 -7.50
C VAL A 85 -1.45 3.89 -7.87
N LEU A 86 -0.13 3.81 -7.86
CA LEU A 86 0.67 4.96 -8.27
C LEU A 86 0.51 5.20 -9.77
N GLY A 87 0.50 4.11 -10.53
CA GLY A 87 0.37 4.18 -11.98
C GLY A 87 -0.74 5.12 -12.40
N LEU A 88 -1.96 4.79 -12.00
CA LEU A 88 -3.12 5.61 -12.31
C LEU A 88 -3.08 6.99 -11.64
N SER A 89 -2.83 7.01 -10.33
CA SER A 89 -2.80 8.25 -9.57
C SER A 89 -1.86 9.30 -10.17
N ALA A 90 -0.92 8.84 -10.98
CA ALA A 90 -0.06 9.75 -11.74
C ALA A 90 -0.88 10.35 -12.86
N ILE A 91 -1.51 9.47 -13.64
CA ILE A 91 -2.25 9.87 -14.83
C ILE A 91 -3.21 11.00 -14.51
N ILE A 92 -3.98 10.82 -13.44
CA ILE A 92 -4.93 11.83 -13.03
C ILE A 92 -4.25 13.14 -12.58
N SER A 93 -3.15 13.03 -11.85
CA SER A 93 -2.48 14.22 -11.34
C SER A 93 -0.98 14.03 -11.14
N PRO A 94 -0.19 14.46 -12.14
CA PRO A 94 1.28 14.49 -12.12
C PRO A 94 1.89 15.05 -10.82
N ILE A 95 2.95 14.39 -10.35
CA ILE A 95 3.52 14.67 -9.04
C ILE A 95 4.93 15.26 -9.01
N ILE A 96 5.06 16.39 -8.30
CA ILE A 96 6.27 17.23 -8.32
C ILE A 96 7.32 16.74 -7.35
N VAL A 97 8.53 16.63 -7.88
CA VAL A 97 9.58 15.90 -7.22
C VAL A 97 10.80 16.83 -7.00
N ASP A 98 10.88 17.41 -5.80
CA ASP A 98 11.85 18.44 -5.47
C ASP A 98 12.98 17.83 -4.60
N LYS A 99 14.23 18.31 -4.74
CA LYS A 99 15.41 17.65 -4.16
C LYS A 99 15.32 17.13 -2.72
N ASN A 100 14.49 17.79 -1.93
CA ASN A 100 14.13 17.38 -0.57
C ASN A 100 13.74 15.89 -0.43
N LEU A 101 13.13 15.31 -1.47
CA LEU A 101 12.70 13.91 -1.39
C LEU A 101 13.37 12.85 -2.27
N GLN A 102 13.97 13.19 -3.42
CA GLN A 102 14.52 12.14 -4.29
C GLN A 102 15.70 11.41 -3.66
N LYS A 103 16.28 12.01 -2.64
CA LYS A 103 17.21 11.28 -1.82
C LYS A 103 16.38 10.22 -1.11
N ASN A 104 15.21 10.59 -0.57
CA ASN A 104 14.33 9.65 0.14
C ASN A 104 13.80 8.54 -0.75
N ILE A 105 13.46 8.88 -1.99
CA ILE A 105 12.96 7.89 -2.95
C ILE A 105 14.00 6.80 -3.15
N LEU A 106 15.25 7.22 -3.24
CA LEU A 106 16.38 6.31 -3.40
C LEU A 106 16.64 5.51 -2.14
N VAL A 107 16.45 6.15 -1.00
CA VAL A 107 16.61 5.47 0.29
C VAL A 107 15.61 4.34 0.42
N TYR A 108 14.38 4.61 0.04
CA TYR A 108 13.34 3.58 -0.04
C TYR A 108 13.80 2.46 -0.94
N LEU A 109 14.41 2.82 -2.07
CA LEU A 109 14.84 1.85 -3.05
C LEU A 109 15.76 0.80 -2.43
N LEU A 110 16.79 1.28 -1.73
CA LEU A 110 17.73 0.40 -1.04
C LEU A 110 17.01 -0.63 -0.18
N PHE A 111 16.03 -0.17 0.59
CA PHE A 111 15.20 -1.03 1.42
C PHE A 111 14.66 -2.19 0.60
N VAL A 112 14.18 -1.90 -0.61
CA VAL A 112 13.75 -2.96 -1.52
C VAL A 112 14.91 -3.89 -1.84
N ILE A 113 15.96 -3.36 -2.45
CA ILE A 113 17.06 -4.21 -2.91
C ILE A 113 17.70 -4.96 -1.76
N PHE A 114 17.67 -4.35 -0.58
CA PHE A 114 18.11 -5.04 0.62
C PHE A 114 17.25 -6.23 0.96
N ALA A 115 15.99 -5.96 1.33
CA ALA A 115 15.02 -7.00 1.60
C ALA A 115 14.99 -8.03 0.47
N ALA A 116 15.03 -7.54 -0.76
CA ALA A 116 15.07 -8.39 -1.95
C ALA A 116 16.15 -9.46 -1.89
N VAL A 117 17.40 -9.04 -1.67
CA VAL A 117 18.51 -10.00 -1.66
C VAL A 117 18.40 -10.97 -0.47
N ILE A 118 18.17 -10.43 0.72
CA ILE A 118 18.07 -11.25 1.93
C ILE A 118 16.85 -12.17 1.91
N GLY A 119 16.15 -12.19 0.78
CA GLY A 119 14.92 -12.96 0.66
C GLY A 119 15.06 -14.28 -0.05
N ILE A 120 16.17 -14.47 -0.78
CA ILE A 120 16.40 -15.71 -1.51
C ILE A 120 16.44 -16.90 -0.54
N ASP A 121 17.04 -16.68 0.62
CA ASP A 121 17.13 -17.70 1.66
C ASP A 121 15.82 -17.83 2.40
N GLY A 122 14.79 -17.15 1.90
CA GLY A 122 13.55 -17.08 2.65
C GLY A 122 13.65 -16.01 3.71
N PHE A 123 12.86 -16.12 4.76
CA PHE A 123 12.87 -15.11 5.84
C PHE A 123 12.84 -15.66 7.25
N SER A 124 14.01 -16.01 7.78
CA SER A 124 14.13 -16.40 9.20
C SER A 124 13.64 -15.26 10.09
N TRP A 125 13.44 -15.52 11.38
CA TRP A 125 13.00 -14.45 12.27
C TRP A 125 14.06 -13.35 12.24
N ILE A 126 15.32 -13.76 12.28
CA ILE A 126 16.48 -12.88 12.06
C ILE A 126 16.33 -11.98 10.84
N ASP A 127 16.29 -12.64 9.67
CA ASP A 127 15.97 -12.05 8.37
C ASP A 127 14.88 -11.00 8.48
N GLY A 128 14.00 -11.20 9.47
CA GLY A 128 12.86 -10.34 9.69
C GLY A 128 13.11 -9.22 10.68
N VAL A 129 13.82 -9.50 11.76
CA VAL A 129 14.01 -8.50 12.81
C VAL A 129 14.78 -7.28 12.33
N VAL A 130 15.72 -7.51 11.42
CA VAL A 130 16.44 -6.42 10.77
C VAL A 130 15.49 -5.40 10.18
N LEU A 131 14.44 -5.93 9.55
CA LEU A 131 13.51 -5.13 8.79
C LEU A 131 12.71 -4.22 9.70
N LEU A 132 12.15 -4.77 10.77
CA LEU A 132 11.42 -3.96 11.76
C LEU A 132 12.31 -2.83 12.23
N ILE A 133 13.57 -3.16 12.44
CA ILE A 133 14.53 -2.19 12.90
C ILE A 133 14.73 -1.09 11.86
N LEU A 134 15.18 -1.47 10.67
CA LEU A 134 15.36 -0.54 9.56
C LEU A 134 14.10 0.27 9.31
N PHE A 135 12.97 -0.42 9.34
CA PHE A 135 11.67 0.22 9.20
C PHE A 135 11.55 1.36 10.19
N ILE A 136 11.89 1.11 11.45
CA ILE A 136 11.85 2.15 12.47
C ILE A 136 12.86 3.25 12.16
N ILE A 137 14.09 2.87 11.86
CA ILE A 137 15.16 3.80 11.49
C ILE A 137 14.68 4.73 10.40
N TYR A 138 14.08 4.15 9.37
CA TYR A 138 13.57 4.89 8.24
C TYR A 138 12.56 5.94 8.68
N LEU A 139 11.88 5.67 9.78
CA LEU A 139 10.82 6.56 10.22
C LEU A 139 11.33 7.79 10.94
N ARG A 140 12.05 7.61 12.05
CA ARG A 140 12.64 8.74 12.76
C ARG A 140 13.46 9.60 11.81
N TRP A 141 13.98 8.97 10.76
CA TRP A 141 14.75 9.67 9.73
C TRP A 141 13.87 10.49 8.79
N THR A 142 13.00 9.82 8.05
CA THR A 142 12.08 10.50 7.14
C THR A 142 11.24 11.52 7.90
N VAL A 143 10.94 11.23 9.16
CA VAL A 143 10.11 12.11 9.97
C VAL A 143 10.82 13.40 10.44
N LYS A 144 12.12 13.33 10.66
CA LYS A 144 12.88 14.49 11.17
C LYS A 144 13.16 15.51 10.09
N ASN A 145 13.01 15.10 8.83
CA ASN A 145 13.37 15.94 7.69
C ASN A 145 12.16 16.40 6.88
N GLY A 146 11.15 16.96 7.56
CA GLY A 146 9.92 17.37 6.91
C GLY A 146 9.79 18.87 6.70
N PRO A 159 -5.90 23.79 20.19
CA PRO A 159 -7.22 23.16 20.12
C PRO A 159 -7.87 23.30 18.74
N SER A 160 -7.10 23.76 17.76
CA SER A 160 -7.54 23.75 16.37
C SER A 160 -7.12 22.46 15.68
N VAL A 161 -6.00 21.91 16.15
CA VAL A 161 -5.49 20.62 15.71
C VAL A 161 -6.27 19.49 16.39
N VAL A 162 -7.54 19.73 16.67
CA VAL A 162 -8.40 18.76 17.33
C VAL A 162 -9.28 18.07 16.29
N PHE A 163 -9.88 18.88 15.42
CA PHE A 163 -10.82 18.38 14.43
C PHE A 163 -10.15 17.42 13.46
N SER A 164 -9.17 17.92 12.72
CA SER A 164 -8.32 17.11 11.83
C SER A 164 -8.10 15.68 12.31
N LEU A 165 -7.65 15.56 13.57
CA LEU A 165 -7.46 14.28 14.22
C LEU A 165 -8.67 13.39 14.11
N VAL A 166 -9.85 13.95 14.34
CA VAL A 166 -11.10 13.19 14.23
C VAL A 166 -11.29 12.70 12.80
N LEU A 167 -11.21 13.63 11.85
CA LEU A 167 -11.34 13.31 10.43
C LEU A 167 -10.42 12.16 10.05
N LEU A 168 -9.15 12.31 10.42
CA LEU A 168 -8.13 11.30 10.17
C LEU A 168 -8.63 9.95 10.66
N ILE A 169 -8.94 9.88 11.95
CA ILE A 169 -9.41 8.64 12.56
C ILE A 169 -10.64 8.11 11.85
N ILE A 170 -11.69 8.90 11.87
CA ILE A 170 -13.01 8.49 11.40
C ILE A 170 -12.96 8.17 9.91
N GLY A 171 -12.22 9.00 9.17
CA GLY A 171 -11.96 8.73 7.78
C GLY A 171 -11.32 7.36 7.67
N LEU A 172 -10.16 7.21 8.32
CA LEU A 172 -9.44 5.94 8.36
C LEU A 172 -10.34 4.77 8.72
N ILE A 173 -10.97 4.86 9.88
CA ILE A 173 -11.89 3.82 10.35
C ILE A 173 -12.85 3.43 9.25
N GLY A 174 -13.50 4.44 8.66
CA GLY A 174 -14.47 4.23 7.61
C GLY A 174 -13.90 3.52 6.39
N VAL A 175 -12.69 3.89 5.99
CA VAL A 175 -12.03 3.26 4.86
C VAL A 175 -11.89 1.76 5.10
N LEU A 176 -11.08 1.43 6.09
CA LEU A 176 -10.75 0.05 6.43
C LEU A 176 -12.00 -0.81 6.62
N VAL A 177 -12.96 -0.27 7.35
CA VAL A 177 -14.23 -0.97 7.59
C VAL A 177 -15.02 -1.15 6.30
N GLY A 178 -15.13 -0.07 5.52
CA GLY A 178 -15.82 -0.11 4.25
C GLY A 178 -15.23 -1.16 3.33
N ALA A 179 -13.91 -1.24 3.28
CA ALA A 179 -13.21 -2.19 2.43
C ALA A 179 -13.60 -3.61 2.80
N GLU A 180 -13.74 -3.85 4.10
CA GLU A 180 -14.18 -5.16 4.56
C GLU A 180 -15.59 -5.44 4.07
N LEU A 181 -16.55 -4.62 4.48
CA LEU A 181 -17.94 -4.71 4.03
C LEU A 181 -18.05 -4.82 2.52
N PHE A 182 -17.38 -3.91 1.81
CA PHE A 182 -17.32 -3.92 0.35
C PHE A 182 -16.93 -5.29 -0.14
N VAL A 183 -15.69 -5.66 0.17
CA VAL A 183 -15.13 -6.95 -0.19
C VAL A 183 -16.09 -8.06 0.26
N ASP A 184 -16.43 -8.06 1.57
CA ASP A 184 -17.47 -8.93 2.14
C ASP A 184 -18.66 -9.07 1.18
N GLY A 185 -19.23 -7.93 0.81
CA GLY A 185 -20.34 -7.92 -0.11
C GLY A 185 -20.02 -8.45 -1.49
N ALA A 186 -19.10 -7.76 -2.17
CA ALA A 186 -18.72 -8.10 -3.54
C ALA A 186 -18.40 -9.59 -3.71
N LYS A 187 -18.13 -10.27 -2.59
CA LYS A 187 -17.90 -11.70 -2.55
C LYS A 187 -19.17 -12.52 -2.76
N LYS A 188 -20.12 -12.40 -1.85
CA LYS A 188 -21.37 -13.16 -1.91
C LYS A 188 -22.03 -12.93 -3.25
N ILE A 189 -22.06 -11.66 -3.63
CA ILE A 189 -22.56 -11.26 -4.92
C ILE A 189 -21.80 -12.01 -6.01
N ALA A 190 -20.47 -12.03 -5.91
CA ALA A 190 -19.64 -12.73 -6.90
C ALA A 190 -19.96 -14.22 -6.96
N LEU A 191 -20.35 -14.79 -5.82
CA LEU A 191 -20.71 -16.20 -5.78
C LEU A 191 -22.16 -16.39 -6.21
N ALA A 192 -23.02 -15.44 -5.82
CA ALA A 192 -24.45 -15.51 -6.14
C ALA A 192 -24.65 -15.51 -7.64
N LEU A 193 -23.65 -15.01 -8.35
CA LEU A 193 -23.64 -15.00 -9.80
C LEU A 193 -23.20 -16.35 -10.34
N ASP A 194 -22.65 -17.18 -9.45
CA ASP A 194 -22.13 -18.50 -9.82
C ASP A 194 -20.99 -18.41 -10.85
N ILE A 195 -19.82 -18.01 -10.36
CA ILE A 195 -18.59 -17.91 -11.15
C ILE A 195 -17.40 -18.02 -10.19
N SER A 196 -17.62 -18.68 -9.06
CA SER A 196 -16.70 -18.68 -7.91
C SER A 196 -15.26 -19.09 -8.23
N ASP A 197 -14.37 -18.93 -7.24
CA ASP A 197 -12.96 -19.28 -7.34
C ASP A 197 -12.20 -19.07 -6.03
N LYS A 198 -11.13 -19.85 -5.84
CA LYS A 198 -10.10 -19.53 -4.85
C LYS A 198 -8.94 -18.90 -5.60
N VAL A 199 -9.18 -18.51 -6.86
CA VAL A 199 -8.17 -17.80 -7.66
C VAL A 199 -8.63 -16.44 -8.23
N ILE A 200 -9.87 -16.33 -8.72
CA ILE A 200 -10.38 -14.99 -9.04
C ILE A 200 -10.46 -14.18 -7.75
N GLY A 201 -11.13 -14.73 -6.73
CA GLY A 201 -11.19 -14.10 -5.42
C GLY A 201 -9.80 -13.76 -4.92
N PHE A 202 -8.84 -14.63 -5.26
CA PHE A 202 -7.41 -14.41 -4.99
C PHE A 202 -6.81 -13.31 -5.87
N THR A 203 -7.01 -13.40 -7.20
CA THR A 203 -6.43 -12.40 -8.12
C THR A 203 -6.90 -11.06 -7.61
N LEU A 204 -8.13 -11.09 -7.11
CA LEU A 204 -8.79 -9.98 -6.47
C LEU A 204 -8.45 -9.92 -4.97
N VAL A 205 -7.23 -10.33 -4.58
CA VAL A 205 -6.76 -10.20 -3.19
C VAL A 205 -5.30 -9.73 -3.11
N ALA A 206 -4.43 -10.30 -3.93
CA ALA A 206 -3.08 -9.77 -4.09
C ALA A 206 -3.23 -8.36 -4.67
N PHE A 207 -4.40 -8.15 -5.27
CA PHE A 207 -4.79 -6.92 -5.94
C PHE A 207 -5.74 -6.17 -5.01
N GLY A 208 -6.58 -6.91 -4.29
CA GLY A 208 -7.62 -6.28 -3.48
C GLY A 208 -7.39 -6.18 -1.98
N THR A 209 -6.15 -6.07 -1.54
CA THR A 209 -5.87 -5.84 -0.12
C THR A 209 -5.27 -4.46 0.13
N SER A 210 -4.74 -3.85 -0.92
CA SER A 210 -4.26 -2.48 -0.86
C SER A 210 -5.32 -1.61 -1.52
N LEU A 211 -6.51 -2.20 -1.66
CA LEU A 211 -7.73 -1.46 -1.89
C LEU A 211 -7.76 -0.18 -1.04
N PRO A 212 -7.47 -0.28 0.28
CA PRO A 212 -7.40 1.00 1.00
C PRO A 212 -6.32 1.92 0.43
N GLU A 213 -5.10 1.41 0.30
CA GLU A 213 -4.00 2.16 -0.32
C GLU A 213 -4.41 2.76 -1.64
N LEU A 214 -5.20 2.01 -2.41
CA LEU A 214 -5.68 2.48 -3.68
C LEU A 214 -6.52 3.72 -3.48
N MET A 215 -7.56 3.61 -2.68
CA MET A 215 -8.47 4.72 -2.51
C MET A 215 -7.79 5.98 -1.93
N VAL A 216 -7.29 5.88 -0.70
CA VAL A 216 -6.59 6.99 -0.04
C VAL A 216 -5.56 7.65 -0.96
N SER A 217 -4.95 6.85 -1.84
CA SER A 217 -4.05 7.40 -2.86
C SER A 217 -4.82 8.12 -3.97
N LEU A 218 -5.87 7.49 -4.48
CA LEU A 218 -6.67 8.12 -5.54
C LEU A 218 -7.36 9.39 -5.02
N ALA A 219 -7.86 9.35 -3.79
CA ALA A 219 -8.69 10.42 -3.26
C ALA A 219 -7.82 11.61 -2.91
N ALA A 220 -6.54 11.33 -2.68
CA ALA A 220 -5.53 12.37 -2.52
C ALA A 220 -5.20 12.98 -3.87
N ALA A 221 -4.94 12.11 -4.85
CA ALA A 221 -4.63 12.55 -6.21
C ALA A 221 -5.78 13.33 -6.84
N LYS A 222 -7.00 13.04 -6.38
CA LYS A 222 -8.18 13.78 -6.80
C LYS A 222 -8.01 15.26 -6.50
N ARG A 223 -7.26 15.54 -5.44
CA ARG A 223 -7.10 16.92 -4.97
C ARG A 223 -5.71 17.48 -5.22
N ASN A 224 -5.05 16.98 -6.27
CA ASN A 224 -3.74 17.49 -6.69
C ASN A 224 -2.73 17.60 -5.55
N LEU A 225 -2.51 16.48 -4.86
CA LEU A 225 -1.60 16.44 -3.72
C LEU A 225 -0.62 15.28 -3.85
N GLY A 226 0.15 15.29 -4.93
CA GLY A 226 1.03 14.19 -5.24
C GLY A 226 2.03 13.77 -4.18
N GLY A 227 2.39 14.69 -3.29
CA GLY A 227 3.24 14.37 -2.18
C GLY A 227 2.63 13.23 -1.38
N MET A 228 1.35 13.39 -1.06
CA MET A 228 0.61 12.33 -0.38
C MET A 228 0.65 11.04 -1.18
N VAL A 229 0.26 11.11 -2.44
CA VAL A 229 0.22 9.94 -3.31
C VAL A 229 1.53 9.18 -3.28
N LEU A 230 2.61 9.91 -3.48
CA LEU A 230 3.93 9.30 -3.48
C LEU A 230 4.21 8.68 -2.12
N GLY A 231 4.26 9.53 -1.10
CA GLY A 231 4.52 9.10 0.26
C GLY A 231 3.69 7.91 0.66
N ASN A 232 2.40 7.97 0.33
CA ASN A 232 1.49 6.86 0.56
C ASN A 232 1.97 5.58 -0.13
N VAL A 233 2.37 5.71 -1.39
CA VAL A 233 2.84 4.58 -2.18
C VAL A 233 4.19 4.06 -1.69
N ILE A 234 5.13 4.98 -1.47
CA ILE A 234 6.46 4.62 -0.99
C ILE A 234 6.40 3.96 0.37
N GLY A 235 5.71 4.60 1.31
CA GLY A 235 5.63 4.11 2.67
C GLY A 235 4.89 2.80 2.82
N SER A 236 3.75 2.68 2.15
CA SER A 236 2.96 1.46 2.25
C SER A 236 3.79 0.26 1.83
N ASN A 237 4.45 0.36 0.69
CA ASN A 237 5.38 -0.69 0.26
C ASN A 237 6.37 -1.09 1.32
N ILE A 238 6.93 -0.11 2.01
CA ILE A 238 7.86 -0.37 3.11
C ILE A 238 7.12 -1.01 4.28
N ALA A 239 5.94 -0.47 4.58
CA ALA A 239 5.07 -1.04 5.61
C ALA A 239 4.70 -2.48 5.29
N ASP A 240 4.40 -2.74 4.03
CA ASP A 240 4.09 -4.09 3.56
C ASP A 240 5.28 -5.00 3.80
N ILE A 241 6.47 -4.44 3.68
CA ILE A 241 7.68 -5.19 3.90
C ILE A 241 8.13 -5.03 5.34
N GLY A 242 8.75 -3.90 5.66
CA GLY A 242 9.34 -3.70 6.97
C GLY A 242 8.39 -3.95 8.13
N GLY A 243 7.11 -3.71 7.89
CA GLY A 243 6.12 -3.92 8.92
C GLY A 243 5.41 -5.26 8.78
N ALA A 244 4.54 -5.34 7.78
CA ALA A 244 3.66 -6.51 7.63
C ALA A 244 4.44 -7.80 7.48
N LEU A 245 5.12 -7.94 6.35
CA LEU A 245 5.86 -9.16 6.03
C LEU A 245 6.73 -9.61 7.20
N ALA A 246 7.47 -8.65 7.75
CA ALA A 246 8.50 -8.97 8.73
C ALA A 246 7.91 -9.56 10.01
N VAL A 247 6.65 -9.22 10.29
CA VAL A 247 5.92 -9.80 11.41
C VAL A 247 5.56 -11.27 11.13
N GLY A 248 5.39 -11.57 9.84
CA GLY A 248 5.11 -12.94 9.45
C GLY A 248 6.29 -13.84 9.72
N SER A 249 7.49 -13.31 9.52
CA SER A 249 8.72 -14.09 9.68
C SER A 249 9.02 -14.41 11.13
N LEU A 250 8.42 -13.65 12.04
CA LEU A 250 8.61 -13.87 13.47
C LEU A 250 8.12 -15.26 13.86
N PHE A 251 6.91 -15.59 13.42
CA PHE A 251 6.31 -16.88 13.75
C PHE A 251 7.02 -18.00 13.02
N MET A 252 7.08 -17.88 11.69
CA MET A 252 7.67 -18.92 10.85
C MET A 252 8.59 -18.39 9.79
N HIS A 253 9.43 -19.28 9.27
CA HIS A 253 10.25 -18.99 8.11
C HIS A 253 9.36 -18.85 6.89
N LEU A 254 9.65 -17.83 6.08
CA LEU A 254 8.84 -17.53 4.90
C LEU A 254 9.57 -17.90 3.61
N PRO A 255 8.90 -18.66 2.73
CA PRO A 255 9.45 -19.18 1.47
C PRO A 255 9.93 -18.08 0.52
N ALA A 256 10.67 -18.50 -0.52
CA ALA A 256 11.29 -17.55 -1.44
C ALA A 256 10.40 -17.28 -2.65
N GLU A 257 9.90 -16.05 -2.75
CA GLU A 257 9.12 -15.63 -3.89
C GLU A 257 9.94 -14.74 -4.81
N ASN A 258 11.18 -15.15 -5.07
CA ASN A 258 12.17 -14.33 -5.77
C ASN A 258 11.75 -13.78 -7.14
N VAL A 259 10.79 -14.44 -7.80
CA VAL A 259 10.26 -13.92 -9.05
C VAL A 259 9.43 -12.63 -8.83
N GLN A 260 8.36 -12.74 -8.05
CA GLN A 260 7.55 -11.57 -7.70
C GLN A 260 8.39 -10.48 -7.04
N MET A 261 9.47 -10.90 -6.39
CA MET A 261 10.46 -9.98 -5.84
C MET A 261 11.24 -9.31 -6.95
N ALA A 262 11.65 -10.07 -7.96
CA ALA A 262 12.37 -9.52 -9.09
C ALA A 262 11.58 -8.38 -9.72
N VAL A 263 10.29 -8.62 -9.93
CA VAL A 263 9.42 -7.61 -10.51
C VAL A 263 9.38 -6.34 -9.67
N LEU A 264 9.12 -6.51 -8.38
CA LEU A 264 8.99 -5.37 -7.45
C LEU A 264 10.12 -4.37 -7.61
N VAL A 265 11.34 -4.88 -7.72
CA VAL A 265 12.51 -4.07 -7.95
C VAL A 265 12.40 -3.27 -9.24
N ILE A 266 12.22 -3.98 -10.35
CA ILE A 266 12.08 -3.37 -11.67
C ILE A 266 11.05 -2.25 -11.63
N MET A 267 9.95 -2.53 -10.95
CA MET A 267 8.89 -1.56 -10.75
C MET A 267 9.36 -0.45 -9.83
N SER A 268 9.91 -0.84 -8.70
CA SER A 268 10.44 0.09 -7.70
C SER A 268 11.56 0.95 -8.29
N LEU A 269 12.08 0.51 -9.43
CA LEU A 269 13.18 1.19 -10.10
C LEU A 269 12.69 2.29 -11.04
N LEU A 270 11.87 1.90 -12.01
CA LEU A 270 11.26 2.84 -12.95
C LEU A 270 10.64 4.01 -12.17
N LEU A 271 10.17 3.70 -10.96
CA LEU A 271 9.79 4.72 -10.00
C LEU A 271 10.96 5.67 -9.65
N TYR A 272 12.11 5.14 -9.24
CA TYR A 272 13.23 6.01 -8.86
C TYR A 272 13.72 6.87 -10.01
N LEU A 273 13.67 6.32 -11.22
CA LEU A 273 14.01 7.03 -12.44
C LEU A 273 13.38 8.40 -12.44
N PHE A 274 12.07 8.40 -12.64
CA PHE A 274 11.28 9.62 -12.74
C PHE A 274 11.17 10.24 -11.33
N ALA A 275 12.29 10.31 -10.61
CA ALA A 275 12.34 10.97 -9.30
C ALA A 275 13.38 12.10 -9.28
N LYS A 276 14.66 11.77 -9.12
CA LYS A 276 15.74 12.77 -9.08
C LYS A 276 16.00 13.12 -10.53
N TYR A 277 15.50 12.26 -11.39
CA TYR A 277 15.83 12.29 -12.81
C TYR A 277 14.78 12.92 -13.71
N SER A 278 13.53 12.98 -13.22
CA SER A 278 12.46 13.66 -13.95
C SER A 278 11.23 13.62 -13.02
N LYS A 279 10.08 13.95 -13.59
CA LYS A 279 8.81 14.12 -12.91
C LYS A 279 7.85 12.99 -13.30
N ILE A 280 6.86 12.71 -12.47
CA ILE A 280 5.92 11.62 -12.75
C ILE A 280 4.51 12.09 -13.04
N GLY A 281 3.78 11.33 -13.85
CA GLY A 281 2.45 11.71 -14.27
C GLY A 281 1.62 10.89 -15.24
N ARG A 282 0.88 11.61 -16.09
CA ARG A 282 0.08 11.07 -17.20
C ARG A 282 0.68 9.92 -18.01
N TRP A 283 1.76 10.22 -18.74
CA TRP A 283 2.28 9.31 -19.76
C TRP A 283 3.16 8.17 -19.24
N GLN A 284 3.43 8.15 -17.94
CA GLN A 284 4.27 7.10 -17.36
C GLN A 284 3.45 6.00 -16.67
N GLY A 285 2.51 6.43 -15.84
CA GLY A 285 1.62 5.53 -15.13
C GLY A 285 0.93 4.57 -16.08
N ILE A 286 0.81 5.02 -17.34
CA ILE A 286 0.41 4.16 -18.44
C ILE A 286 1.29 2.93 -18.50
N LEU A 287 2.60 3.14 -18.54
CA LEU A 287 3.55 2.04 -18.60
C LEU A 287 3.41 1.17 -17.36
N PHE A 288 3.40 1.81 -16.19
CA PHE A 288 3.14 1.12 -14.94
C PHE A 288 1.93 0.23 -15.06
N LEU A 289 0.84 0.78 -15.57
CA LEU A 289 -0.36 0.00 -15.78
C LEU A 289 -0.05 -1.12 -16.74
N ALA A 290 0.41 -0.75 -17.94
CA ALA A 290 0.90 -1.71 -18.91
C ALA A 290 1.82 -2.73 -18.24
N LEU A 291 2.69 -2.25 -17.37
CA LEU A 291 3.57 -3.14 -16.60
C LEU A 291 2.76 -3.91 -15.55
N TYR A 292 1.89 -3.22 -14.81
CA TYR A 292 1.05 -3.92 -13.85
C TYR A 292 0.15 -4.91 -14.57
N ILE A 293 -0.30 -4.54 -15.76
CA ILE A 293 -1.09 -5.46 -16.56
C ILE A 293 -0.30 -6.72 -16.91
N ILE A 294 0.81 -6.55 -17.63
CA ILE A 294 1.61 -7.69 -18.09
C ILE A 294 2.12 -8.52 -16.92
N ALA A 295 2.25 -7.88 -15.76
CA ALA A 295 2.66 -8.57 -14.54
C ALA A 295 1.68 -9.66 -14.14
N ILE A 296 0.43 -9.27 -13.85
CA ILE A 296 -0.64 -10.22 -13.53
C ILE A 296 -0.83 -11.25 -14.64
N ALA A 297 -0.77 -10.80 -15.88
CA ALA A 297 -0.94 -11.66 -17.05
C ALA A 297 -0.12 -12.95 -17.00
N SER A 298 0.98 -12.93 -16.25
CA SER A 298 1.80 -14.12 -16.06
C SER A 298 2.53 -14.20 -14.70
N LEU A 299 1.85 -13.81 -13.61
CA LEU A 299 2.45 -13.88 -12.28
C LEU A 299 1.69 -14.90 -11.42
N ARG A 300 2.11 -15.09 -10.17
CA ARG A 300 1.41 -16.05 -9.33
C ARG A 300 0.03 -15.41 -9.21
N MET A 301 -0.80 -15.60 -10.25
CA MET A 301 -2.14 -15.02 -10.31
C MET A 301 -3.01 -15.52 -9.17
#